data_1R6G
#
_entry.id   1R6G
#
_cell.length_a   68.556
_cell.length_b   68.556
_cell.length_c   129.170
_cell.angle_alpha   90.00
_cell.angle_beta   90.00
_cell.angle_gamma   120.00
#
_symmetry.space_group_name_H-M   'P 31 2 1'
#
loop_
_entity.id
_entity.type
_entity.pdbx_description
1 polymer 'Thyroid hormone receptor beta-1'
2 non-polymer 2-[3,5-DIBROMO-4-(4-HYDROXY-3-{HYDROXY[(2-PHENYLETHYL)AMINO]METHYL}PHENOXY)PHENYL]ETHANE-1,1-DIOL
#
_entity_poly.entity_id   1
_entity_poly.type   'polypeptide(L)'
_entity_poly.pdbx_seq_one_letter_code
;ELQKSIGKKPEPTDEEWELIKTVTEAHVATNAQGSHWKQKRKFLPEDIGQAPIVNAPEGGKVDLEAFSHFTKIITPAITR
VVDFAKKLPMFCELPCEDQIILLKGCCMEIMSLRAAVRYDPESETLTLNGEMAVTRGQLKNGGLGVVSDAIFDLGMSLSS
FNLDDTEVALLQAVLLMSSDRPGLACVERIEKYQDSFLLAFEHYINYRKHHVTHFWPKLLMKVTDLRMIGACHASRFLHM
KVECPTELFPPLFLEVFED
;
_entity_poly.pdbx_strand_id   A
#
# COMPACT_ATOMS: atom_id res chain seq x y z
N GLU A 1 6.30 24.05 13.51
CA GLU A 1 6.40 23.59 14.92
C GLU A 1 5.96 24.67 15.94
N LEU A 2 6.10 25.94 15.59
CA LEU A 2 5.53 27.06 16.38
C LEU A 2 4.09 27.30 15.93
N GLN A 3 3.89 27.16 14.62
CA GLN A 3 2.55 27.05 14.06
C GLN A 3 1.81 25.89 14.75
N LYS A 4 2.53 24.81 15.04
CA LYS A 4 2.00 23.65 15.78
C LYS A 4 1.71 23.95 17.26
N SER A 5 2.43 24.89 17.86
CA SER A 5 2.18 25.29 19.24
C SER A 5 0.92 26.18 19.36
N ILE A 6 0.65 26.96 18.33
CA ILE A 6 -0.50 27.88 18.30
C ILE A 6 -1.76 27.13 17.83
N GLY A 7 -1.59 25.94 17.26
CA GLY A 7 -2.68 25.20 16.67
C GLY A 7 -3.22 25.97 15.48
N LYS A 8 -2.31 26.35 14.59
CA LYS A 8 -2.69 27.10 13.41
C LYS A 8 -3.23 26.14 12.31
N LYS A 9 -2.69 24.93 12.23
CA LYS A 9 -3.14 23.90 11.27
C LYS A 9 -3.08 24.37 9.81
N PRO A 10 -1.86 24.52 9.29
CA PRO A 10 -1.62 25.08 7.95
C PRO A 10 -2.00 24.17 6.79
N GLU A 11 -2.34 24.78 5.66
CA GLU A 11 -2.62 24.05 4.44
C GLU A 11 -1.40 24.22 3.53
N PRO A 12 -1.26 23.38 2.49
CA PRO A 12 0.06 23.23 1.85
C PRO A 12 0.60 24.49 1.15
N THR A 13 1.92 24.64 1.22
CA THR A 13 2.63 25.66 0.46
C THR A 13 2.36 25.40 -1.02
N ASP A 14 2.69 26.37 -1.88
CA ASP A 14 2.51 26.22 -3.33
C ASP A 14 3.51 25.17 -3.83
N GLU A 15 4.76 25.32 -3.40
CA GLU A 15 5.79 24.32 -3.62
C GLU A 15 5.27 22.90 -3.30
N GLU A 16 4.54 22.75 -2.18
CA GLU A 16 3.94 21.46 -1.76
C GLU A 16 2.79 21.01 -2.68
N TRP A 17 1.96 21.96 -3.13
CA TRP A 17 0.86 21.64 -4.04
C TRP A 17 1.35 20.94 -5.30
N GLU A 18 2.61 21.19 -5.67
CA GLU A 18 3.29 20.42 -6.71
C GLU A 18 3.39 18.94 -6.37
N LEU A 19 3.97 18.64 -5.22
CA LEU A 19 4.13 17.25 -4.76
C LEU A 19 2.80 16.48 -4.75
N ILE A 20 1.73 17.17 -4.40
CA ILE A 20 0.40 16.59 -4.31
C ILE A 20 -0.19 16.38 -5.70
N LYS A 21 0.11 17.30 -6.61
CA LYS A 21 -0.24 17.20 -8.02
C LYS A 21 0.36 15.94 -8.66
N THR A 22 1.59 15.61 -8.27
CA THR A 22 2.35 14.51 -8.89
C THR A 22 1.97 13.15 -8.33
N VAL A 23 1.94 12.99 -7.02
CA VAL A 23 1.64 11.68 -6.46
C VAL A 23 0.21 11.28 -6.77
N THR A 24 -0.70 12.24 -6.81
CA THR A 24 -2.06 11.91 -7.17
C THR A 24 -2.16 11.51 -8.64
N GLU A 25 -1.35 12.11 -9.51
CA GLU A 25 -1.37 11.76 -10.94
C GLU A 25 -0.69 10.41 -11.20
N ALA A 26 0.51 10.25 -10.69
CA ALA A 26 1.17 8.94 -10.57
C ALA A 26 0.27 7.85 -10.00
N HIS A 27 -0.55 8.17 -9.00
CA HIS A 27 -1.42 7.19 -8.33
C HIS A 27 -2.68 6.84 -9.14
N VAL A 28 -3.32 7.87 -9.67
CA VAL A 28 -4.56 7.69 -10.41
C VAL A 28 -4.28 6.96 -11.72
N ALA A 29 -3.07 7.18 -12.25
CA ALA A 29 -2.57 6.52 -13.46
C ALA A 29 -2.45 5.01 -13.29
N THR A 30 -2.14 4.59 -12.07
CA THR A 30 -1.84 3.20 -11.74
C THR A 30 -2.83 2.56 -10.73
N ASN A 31 -3.91 3.24 -10.33
CA ASN A 31 -4.90 2.60 -9.46
C ASN A 31 -6.04 1.88 -10.17
N ALA A 32 -6.03 1.88 -11.52
CA ALA A 32 -6.98 1.10 -12.33
C ALA A 32 -8.25 1.88 -12.66
N ARG A 41 -17.02 -4.81 -11.49
CA ARG A 41 -16.24 -5.86 -10.85
C ARG A 41 -16.77 -7.28 -11.09
N LYS A 42 -15.97 -8.28 -10.72
CA LYS A 42 -16.31 -9.70 -10.84
C LYS A 42 -16.12 -10.45 -9.48
N PHE A 43 -17.25 -10.84 -8.85
CA PHE A 43 -17.27 -11.67 -7.63
C PHE A 43 -16.74 -13.09 -7.93
N LEU A 44 -15.63 -13.47 -7.28
CA LEU A 44 -15.09 -14.83 -7.41
C LEU A 44 -16.03 -15.77 -6.64
N PRO A 45 -16.63 -16.76 -7.31
CA PRO A 45 -17.69 -17.60 -6.68
C PRO A 45 -17.35 -18.06 -5.24
N GLU A 46 -18.37 -18.22 -4.39
CA GLU A 46 -18.18 -18.79 -3.04
C GLU A 46 -17.64 -20.25 -3.12
N ASP A 47 -17.82 -20.85 -4.30
CA ASP A 47 -17.12 -22.05 -4.79
C ASP A 47 -15.61 -22.15 -4.44
N ILE A 48 -14.86 -21.08 -4.72
CA ILE A 48 -13.40 -21.00 -4.47
C ILE A 48 -13.04 -20.41 -3.06
N GLY A 49 -12.25 -21.19 -2.29
CA GLY A 49 -11.92 -20.88 -0.89
C GLY A 49 -12.71 -21.71 0.14
N GLN A 50 -14.05 -21.63 0.02
CA GLN A 50 -15.02 -22.24 0.96
C GLN A 50 -14.50 -23.46 1.71
N VAL A 62 -4.36 -25.83 2.17
CA VAL A 62 -4.38 -24.75 1.19
C VAL A 62 -5.28 -25.11 0.04
N ASP A 63 -6.20 -24.21 -0.29
CA ASP A 63 -6.95 -24.31 -1.53
C ASP A 63 -6.02 -23.97 -2.70
N LEU A 64 -5.76 -24.94 -3.58
CA LEU A 64 -4.87 -24.74 -4.74
C LEU A 64 -5.54 -23.97 -5.90
N GLU A 65 -6.86 -23.78 -5.81
CA GLU A 65 -7.64 -23.12 -6.87
C GLU A 65 -7.80 -21.66 -6.53
N ALA A 66 -7.98 -21.37 -5.25
CA ALA A 66 -7.85 -20.01 -4.77
C ALA A 66 -6.43 -19.53 -5.06
N PHE A 67 -5.41 -20.33 -4.69
CA PHE A 67 -3.98 -20.06 -5.02
C PHE A 67 -3.84 -19.57 -6.47
N SER A 68 -4.39 -20.36 -7.39
CA SER A 68 -4.22 -20.14 -8.82
C SER A 68 -4.78 -18.80 -9.28
N HIS A 69 -6.00 -18.49 -8.82
CA HIS A 69 -6.75 -17.33 -9.31
C HIS A 69 -6.11 -16.01 -8.86
N PHE A 70 -5.54 -16.02 -7.66
CA PHE A 70 -4.89 -14.83 -7.06
C PHE A 70 -3.48 -14.57 -7.56
N THR A 71 -2.83 -15.59 -8.13
CA THR A 71 -1.50 -15.40 -8.68
C THR A 71 -1.51 -15.23 -10.21
N LYS A 72 -2.63 -15.57 -10.84
CA LYS A 72 -2.91 -15.17 -12.22
C LYS A 72 -2.93 -13.63 -12.37
N ILE A 73 -3.20 -12.88 -11.28
CA ILE A 73 -3.49 -11.44 -11.35
C ILE A 73 -2.53 -10.51 -10.58
N ILE A 74 -1.57 -11.10 -9.89
CA ILE A 74 -0.67 -10.36 -9.02
C ILE A 74 0.48 -9.75 -9.80
N THR A 75 0.83 -10.34 -10.95
CA THR A 75 1.95 -9.81 -11.74
C THR A 75 1.62 -8.39 -12.27
N PRO A 76 0.43 -8.14 -12.84
CA PRO A 76 -0.01 -6.78 -13.18
C PRO A 76 -0.12 -5.84 -11.97
N ALA A 77 -0.63 -6.34 -10.84
CA ALA A 77 -0.70 -5.54 -9.61
C ALA A 77 0.66 -4.97 -9.20
N ILE A 78 1.67 -5.83 -9.18
CA ILE A 78 3.04 -5.44 -8.86
C ILE A 78 3.60 -4.43 -9.84
N THR A 79 3.32 -4.56 -11.14
CA THR A 79 3.88 -3.61 -12.11
C THR A 79 3.28 -2.22 -11.94
N ARG A 80 2.01 -2.19 -11.53
CA ARG A 80 1.31 -0.93 -11.33
C ARG A 80 1.90 -0.24 -10.11
N VAL A 81 2.27 -1.01 -9.10
CA VAL A 81 2.93 -0.45 -7.94
C VAL A 81 4.32 0.08 -8.31
N VAL A 82 4.98 -0.56 -9.28
CA VAL A 82 6.24 -0.07 -9.82
C VAL A 82 6.04 1.15 -10.70
N ASP A 83 4.95 1.15 -11.45
CA ASP A 83 4.67 2.20 -12.41
C ASP A 83 4.39 3.51 -11.65
N PHE A 84 3.99 3.39 -10.38
CA PHE A 84 3.67 4.55 -9.56
C PHE A 84 4.96 5.17 -9.10
N ALA A 85 5.92 4.33 -8.72
CA ALA A 85 7.22 4.76 -8.22
C ALA A 85 8.05 5.41 -9.32
N LYS A 86 7.81 4.97 -10.56
CA LYS A 86 8.51 5.47 -11.75
C LYS A 86 8.03 6.87 -12.02
N LYS A 87 6.75 7.10 -11.78
CA LYS A 87 6.16 8.40 -12.04
C LYS A 87 6.52 9.49 -11.03
N LEU A 88 7.08 9.12 -9.88
CA LEU A 88 7.58 10.08 -8.90
C LEU A 88 9.07 10.42 -9.11
N PRO A 89 9.41 11.70 -9.22
CA PRO A 89 10.80 12.07 -9.55
C PRO A 89 11.83 12.03 -8.39
N MET A 90 11.37 12.16 -7.16
CA MET A 90 12.24 11.94 -6.01
C MET A 90 12.77 10.49 -6.00
N PHE A 91 11.89 9.53 -6.33
CA PHE A 91 12.28 8.12 -6.44
C PHE A 91 13.38 7.96 -7.50
N CYS A 92 13.27 8.69 -8.60
CA CYS A 92 14.18 8.51 -9.71
C CYS A 92 15.52 9.19 -9.49
N GLU A 93 15.62 10.00 -8.44
CA GLU A 93 16.89 10.62 -8.07
C GLU A 93 17.82 9.61 -7.35
N LEU A 94 17.30 8.45 -6.99
CA LEU A 94 18.07 7.50 -6.19
C LEU A 94 18.91 6.50 -7.02
N PRO A 95 20.13 6.18 -6.56
CA PRO A 95 20.90 5.08 -7.14
C PRO A 95 20.08 3.81 -7.37
N CYS A 96 20.64 3.00 -8.25
CA CYS A 96 19.91 1.88 -8.84
C CYS A 96 19.61 0.75 -7.86
N GLU A 97 20.55 0.44 -6.96
CA GLU A 97 20.35 -0.65 -6.01
C GLU A 97 19.43 -0.20 -4.90
N ASP A 98 19.31 1.13 -4.69
CA ASP A 98 18.42 1.69 -3.67
C ASP A 98 16.97 1.68 -4.16
N GLN A 99 16.78 2.12 -5.41
CA GLN A 99 15.48 2.02 -6.08
C GLN A 99 14.92 0.60 -5.93
N ILE A 100 15.71 -0.39 -6.33
CA ILE A 100 15.33 -1.79 -6.16
C ILE A 100 14.80 -2.03 -4.77
N ILE A 101 15.61 -1.68 -3.77
CA ILE A 101 15.35 -2.01 -2.37
C ILE A 101 14.07 -1.40 -1.84
N LEU A 102 13.71 -0.20 -2.29
CA LEU A 102 12.48 0.43 -1.80
C LEU A 102 11.27 -0.30 -2.35
N LEU A 103 11.25 -0.45 -3.67
CA LEU A 103 10.19 -1.18 -4.34
C LEU A 103 9.90 -2.53 -3.79
N LYS A 104 10.93 -3.18 -3.29
CA LYS A 104 10.78 -4.51 -2.76
C LYS A 104 10.09 -4.40 -1.41
N GLY A 105 10.45 -3.40 -0.63
CA GLY A 105 9.86 -3.23 0.70
C GLY A 105 8.37 -2.93 0.74
N CYS A 106 8.01 -1.77 0.22
CA CYS A 106 6.62 -1.30 0.15
C CYS A 106 5.73 -2.04 -0.84
N CYS A 107 6.31 -2.83 -1.74
CA CYS A 107 5.46 -3.46 -2.76
C CYS A 107 4.15 -4.00 -2.17
N MET A 108 4.27 -4.85 -1.15
CA MET A 108 3.09 -5.44 -0.50
C MET A 108 2.37 -4.45 0.39
N GLU A 109 3.12 -3.49 0.95
CA GLU A 109 2.54 -2.51 1.85
C GLU A 109 1.57 -1.70 1.04
N ILE A 110 2.10 -0.99 0.03
CA ILE A 110 1.29 -0.30 -0.95
C ILE A 110 0.13 -1.17 -1.42
N MET A 111 0.40 -2.41 -1.80
CA MET A 111 -0.64 -3.29 -2.38
C MET A 111 -1.82 -3.53 -1.41
N SER A 112 -1.56 -3.71 -0.12
CA SER A 112 -2.60 -4.02 0.86
C SER A 112 -3.54 -2.85 1.06
N LEU A 113 -2.97 -1.65 1.06
CA LEU A 113 -3.74 -0.41 1.18
C LEU A 113 -4.66 -0.23 -0.02
N ARG A 114 -4.06 -0.39 -1.19
CA ARG A 114 -4.75 -0.22 -2.45
C ARG A 114 -6.04 -1.06 -2.53
N ALA A 115 -5.96 -2.27 -1.97
CA ALA A 115 -7.09 -3.15 -1.81
C ALA A 115 -7.99 -2.70 -0.66
N ALA A 116 -7.42 -2.51 0.53
CA ALA A 116 -8.19 -2.19 1.74
C ALA A 116 -9.23 -1.03 1.61
N VAL A 117 -8.84 0.01 0.87
CA VAL A 117 -9.68 1.20 0.67
C VAL A 117 -10.83 0.93 -0.30
N ARG A 118 -10.74 -0.18 -1.02
CA ARG A 118 -11.82 -0.72 -1.85
C ARG A 118 -12.58 -1.84 -1.12
N TYR A 119 -12.75 -1.67 0.20
CA TYR A 119 -13.64 -2.55 0.96
C TYR A 119 -14.98 -1.99 0.65
N ASP A 120 -16.01 -2.80 0.78
CA ASP A 120 -17.37 -2.31 0.87
C ASP A 120 -18.07 -3.20 1.91
N PRO A 121 -18.67 -2.62 2.95
CA PRO A 121 -19.35 -3.43 3.99
C PRO A 121 -20.68 -4.09 3.60
N GLU A 122 -21.34 -3.70 2.51
CA GLU A 122 -22.55 -4.41 2.08
C GLU A 122 -22.15 -5.88 1.84
N SER A 123 -21.23 -6.09 0.91
CA SER A 123 -20.81 -7.44 0.51
C SER A 123 -19.74 -8.05 1.43
N GLU A 124 -18.95 -7.19 2.10
CA GLU A 124 -17.74 -7.53 2.86
C GLU A 124 -16.63 -8.13 1.97
N THR A 125 -16.37 -7.43 0.85
CA THR A 125 -15.37 -7.84 -0.13
C THR A 125 -14.39 -6.73 -0.48
N LEU A 126 -13.14 -7.11 -0.72
CA LEU A 126 -12.17 -6.19 -1.31
C LEU A 126 -12.19 -6.41 -2.81
N THR A 127 -11.57 -5.50 -3.53
CA THR A 127 -11.43 -5.64 -4.97
C THR A 127 -9.94 -5.72 -5.37
N LEU A 128 -9.53 -6.94 -5.67
CA LEU A 128 -8.16 -7.24 -6.01
C LEU A 128 -7.85 -6.94 -7.46
N ASN A 129 -6.80 -6.15 -7.71
CA ASN A 129 -6.35 -5.82 -9.08
C ASN A 129 -7.35 -4.88 -9.81
N GLY A 130 -8.39 -4.44 -9.08
CA GLY A 130 -9.43 -3.59 -9.62
C GLY A 130 -10.51 -4.36 -10.37
N GLU A 131 -10.59 -5.69 -10.20
CA GLU A 131 -11.58 -6.52 -10.90
C GLU A 131 -12.26 -7.53 -9.94
N MET A 132 -11.44 -8.41 -9.38
CA MET A 132 -11.86 -9.58 -8.60
C MET A 132 -12.31 -9.20 -7.16
N ALA A 133 -13.47 -9.71 -6.74
CA ALA A 133 -14.09 -9.33 -5.46
C ALA A 133 -14.16 -10.52 -4.50
N VAL A 134 -13.36 -10.46 -3.44
CA VAL A 134 -13.10 -11.63 -2.57
C VAL A 134 -13.64 -11.41 -1.16
N THR A 135 -14.12 -12.46 -0.50
CA THR A 135 -14.52 -12.34 0.92
C THR A 135 -13.30 -12.63 1.75
N ARG A 136 -13.38 -12.45 3.07
CA ARG A 136 -12.23 -12.66 3.97
C ARG A 136 -11.68 -14.11 3.97
N GLY A 137 -12.57 -15.09 3.89
CA GLY A 137 -12.18 -16.48 3.75
C GLY A 137 -11.51 -16.83 2.42
N GLN A 138 -11.99 -16.24 1.30
CA GLN A 138 -11.43 -16.49 -0.04
C GLN A 138 -9.97 -16.03 -0.20
N LEU A 139 -9.68 -14.80 0.19
CA LEU A 139 -8.32 -14.27 0.17
C LEU A 139 -7.41 -15.10 1.11
N LYS A 140 -7.96 -15.41 2.29
CA LYS A 140 -7.26 -16.15 3.35
C LYS A 140 -6.87 -17.54 2.88
N ASN A 141 -7.80 -18.27 2.24
CA ASN A 141 -7.59 -19.68 1.89
C ASN A 141 -6.60 -19.92 0.72
N GLY A 142 -6.41 -18.90 -0.12
CA GLY A 142 -5.40 -18.95 -1.17
C GLY A 142 -3.93 -18.90 -0.71
N GLY A 143 -3.70 -18.78 0.60
CA GLY A 143 -2.37 -18.91 1.17
C GLY A 143 -1.92 -17.77 2.09
N LEU A 144 -2.78 -16.76 2.27
CA LEU A 144 -2.43 -15.57 3.01
C LEU A 144 -2.65 -15.71 4.51
N GLY A 145 -3.54 -16.59 4.95
CA GLY A 145 -3.83 -16.75 6.37
C GLY A 145 -4.20 -15.42 7.01
N VAL A 146 -3.69 -15.11 8.19
CA VAL A 146 -4.04 -13.86 8.85
C VAL A 146 -3.72 -12.61 8.07
N VAL A 147 -2.88 -12.71 7.05
CA VAL A 147 -2.61 -11.54 6.22
C VAL A 147 -3.89 -11.06 5.53
N SER A 148 -4.78 -11.99 5.17
CA SER A 148 -6.16 -11.63 4.87
C SER A 148 -6.76 -10.86 6.01
N ASP A 149 -6.98 -11.47 7.19
CA ASP A 149 -7.66 -10.74 8.26
C ASP A 149 -7.08 -9.32 8.49
N ALA A 150 -5.79 -9.12 8.23
CA ALA A 150 -5.13 -7.82 8.47
C ALA A 150 -5.56 -6.77 7.44
N ILE A 151 -5.58 -7.19 6.17
CA ILE A 151 -6.03 -6.35 5.06
C ILE A 151 -7.53 -5.98 5.16
N PHE A 152 -8.33 -6.87 5.74
CA PHE A 152 -9.77 -6.65 5.93
C PHE A 152 -10.07 -5.75 7.11
N ASP A 153 -9.60 -6.13 8.28
CA ASP A 153 -9.67 -5.30 9.48
C ASP A 153 -9.28 -3.87 9.14
N LEU A 154 -8.32 -3.72 8.22
CA LEU A 154 -7.80 -2.41 7.90
C LEU A 154 -8.82 -1.72 7.07
N GLY A 155 -9.18 -2.29 5.92
CA GLY A 155 -10.24 -1.72 5.06
C GLY A 155 -11.55 -1.32 5.76
N MET A 156 -11.96 -2.11 6.76
CA MET A 156 -13.04 -1.80 7.71
C MET A 156 -12.82 -0.48 8.45
N SER A 157 -11.61 -0.27 8.96
CA SER A 157 -11.31 0.95 9.71
C SER A 157 -11.24 2.17 8.78
N LEU A 158 -10.66 2.00 7.59
CA LEU A 158 -10.55 3.07 6.62
C LEU A 158 -11.86 3.40 5.94
N SER A 159 -12.86 2.51 6.04
CA SER A 159 -14.25 2.81 5.64
C SER A 159 -14.58 4.23 6.12
N SER A 160 -14.34 4.43 7.42
CA SER A 160 -14.71 5.65 8.13
C SER A 160 -13.85 6.90 7.81
N PHE A 161 -12.60 6.70 7.40
CA PHE A 161 -11.63 7.79 7.15
C PHE A 161 -11.92 8.49 5.83
N ASN A 162 -12.42 7.74 4.86
CA ASN A 162 -13.04 8.35 3.68
C ASN A 162 -12.00 8.94 2.75
N LEU A 163 -10.92 8.20 2.53
CA LEU A 163 -9.72 8.72 1.84
C LEU A 163 -9.93 8.99 0.34
N ASP A 164 -9.32 10.06 -0.17
CA ASP A 164 -9.38 10.36 -1.59
C ASP A 164 -8.14 9.81 -2.30
N ASP A 165 -8.04 10.02 -3.61
CA ASP A 165 -6.93 9.48 -4.39
C ASP A 165 -5.62 10.08 -3.97
N THR A 166 -5.68 11.34 -3.54
CA THR A 166 -4.53 12.11 -3.13
C THR A 166 -3.93 11.67 -1.78
N GLU A 167 -4.77 11.16 -0.88
CA GLU A 167 -4.35 10.77 0.48
C GLU A 167 -3.79 9.37 0.45
N VAL A 168 -4.49 8.50 -0.27
CA VAL A 168 -3.96 7.20 -0.55
C VAL A 168 -2.63 7.38 -1.27
N ALA A 169 -2.57 8.35 -2.16
CA ALA A 169 -1.37 8.55 -2.96
C ALA A 169 -0.20 8.88 -2.03
N LEU A 170 -0.42 9.85 -1.15
CA LEU A 170 0.62 10.31 -0.24
C LEU A 170 1.04 9.24 0.79
N LEU A 171 0.06 8.55 1.37
CA LEU A 171 0.29 7.39 2.24
C LEU A 171 1.21 6.38 1.59
N GLN A 172 0.92 6.09 0.31
CA GLN A 172 1.75 5.25 -0.57
C GLN A 172 3.16 5.80 -0.70
N ALA A 173 3.27 7.10 -0.95
CA ALA A 173 4.57 7.77 -1.12
C ALA A 173 5.36 7.86 0.18
N VAL A 174 4.66 7.80 1.33
CA VAL A 174 5.31 7.69 2.64
C VAL A 174 5.90 6.28 2.77
N LEU A 175 5.12 5.27 2.38
CA LEU A 175 5.55 3.86 2.45
C LEU A 175 6.78 3.62 1.55
N LEU A 176 6.76 4.26 0.39
CA LEU A 176 7.81 4.04 -0.60
C LEU A 176 9.16 4.49 -0.07
N MET A 177 9.15 5.65 0.58
CA MET A 177 10.37 6.36 0.94
C MET A 177 10.75 6.05 2.37
N SER A 178 10.93 4.76 2.65
CA SER A 178 11.17 4.31 4.01
C SER A 178 12.64 3.97 4.21
N SER A 179 13.40 4.85 4.87
CA SER A 179 14.84 4.68 4.95
C SER A 179 15.23 3.50 5.86
N ASP A 180 14.22 2.85 6.47
CA ASP A 180 14.42 1.69 7.36
C ASP A 180 14.76 0.38 6.67
N ARG A 181 14.82 0.37 5.35
CA ARG A 181 14.95 -0.91 4.65
C ARG A 181 16.39 -1.43 4.71
N PRO A 182 16.55 -2.72 4.99
CA PRO A 182 17.88 -3.35 5.05
C PRO A 182 18.68 -3.13 3.78
N GLY A 183 19.94 -2.73 3.94
CA GLY A 183 20.86 -2.56 2.84
C GLY A 183 20.71 -1.29 2.00
N LEU A 184 19.93 -0.32 2.47
CA LEU A 184 19.80 0.95 1.76
C LEU A 184 21.05 1.73 2.02
N ALA A 185 21.43 2.49 1.00
CA ALA A 185 22.67 3.27 1.00
C ALA A 185 22.38 4.75 1.22
N CYS A 186 21.40 5.30 0.50
CA CYS A 186 20.99 6.72 0.62
C CYS A 186 19.93 7.00 1.68
N VAL A 187 20.17 6.58 2.90
CA VAL A 187 19.22 6.73 4.00
C VAL A 187 18.86 8.21 4.21
N GLU A 188 19.85 9.03 4.55
CA GLU A 188 19.57 10.42 4.88
C GLU A 188 18.68 11.11 3.86
N ARG A 189 18.93 10.86 2.58
CA ARG A 189 18.23 11.57 1.49
C ARG A 189 16.77 11.12 1.33
N ILE A 190 16.55 9.83 1.61
CA ILE A 190 15.23 9.17 1.44
C ILE A 190 14.24 9.56 2.55
N GLU A 191 14.79 9.52 3.77
CA GLU A 191 14.18 10.06 4.97
C GLU A 191 13.71 11.48 4.69
N LYS A 192 14.62 12.32 4.19
CA LYS A 192 14.29 13.71 3.87
C LYS A 192 13.15 13.81 2.85
N TYR A 193 13.23 13.01 1.79
CA TYR A 193 12.16 12.99 0.80
C TYR A 193 10.86 12.65 1.50
N GLN A 194 10.91 11.66 2.40
CA GLN A 194 9.71 11.19 3.07
C GLN A 194 9.08 12.29 3.90
N ASP A 195 9.86 12.96 4.75
CA ASP A 195 9.37 14.10 5.52
C ASP A 195 8.68 15.13 4.64
N SER A 196 9.08 15.23 3.38
CA SER A 196 8.44 16.16 2.44
C SER A 196 7.03 15.70 2.07
N PHE A 197 6.84 14.39 1.92
CA PHE A 197 5.52 13.85 1.64
C PHE A 197 4.62 13.96 2.87
N LEU A 198 5.18 13.61 4.02
CA LEU A 198 4.49 13.72 5.28
C LEU A 198 4.06 15.14 5.61
N LEU A 199 4.80 16.11 5.11
CA LEU A 199 4.53 17.51 5.44
C LEU A 199 3.48 18.05 4.47
N ALA A 200 3.53 17.57 3.24
CA ALA A 200 2.58 17.97 2.21
C ALA A 200 1.29 17.25 2.43
N PHE A 201 1.38 16.17 3.20
CA PHE A 201 0.26 15.28 3.50
C PHE A 201 -0.48 15.89 4.66
N GLU A 202 0.20 16.15 5.76
CA GLU A 202 -0.44 16.74 6.93
C GLU A 202 -1.11 18.08 6.63
N HIS A 203 -0.55 18.81 5.67
CA HIS A 203 -1.06 20.11 5.31
C HIS A 203 -2.32 19.91 4.46
N TYR A 204 -2.28 18.85 3.63
CA TYR A 204 -3.44 18.42 2.84
C TYR A 204 -4.60 17.85 3.67
N ILE A 205 -4.30 17.22 4.80
CA ILE A 205 -5.33 16.81 5.75
C ILE A 205 -6.00 18.01 6.38
N ASN A 206 -5.16 18.97 6.79
CA ASN A 206 -5.61 20.20 7.44
C ASN A 206 -6.62 20.86 6.54
N TYR A 207 -6.23 20.91 5.27
CA TYR A 207 -7.00 21.50 4.17
C TYR A 207 -8.34 20.79 3.88
N ARG A 208 -8.37 19.47 4.07
CA ARG A 208 -9.56 18.67 3.82
C ARG A 208 -10.58 18.81 4.97
N LYS A 209 -10.10 19.24 6.13
CA LYS A 209 -10.90 19.29 7.36
C LYS A 209 -11.81 18.05 7.56
N HIS A 210 -11.19 16.92 7.93
CA HIS A 210 -11.92 15.67 8.24
C HIS A 210 -12.59 15.83 9.60
N HIS A 211 -13.84 15.35 9.73
CA HIS A 211 -14.58 15.35 11.01
C HIS A 211 -14.21 14.07 11.78
N VAL A 212 -13.01 14.05 12.36
CA VAL A 212 -12.62 13.03 13.36
C VAL A 212 -11.33 13.45 14.10
N THR A 213 -11.47 13.87 15.37
CA THR A 213 -10.36 14.35 16.21
C THR A 213 -9.15 13.38 16.15
N HIS A 214 -7.94 13.96 16.16
CA HIS A 214 -6.71 13.23 15.88
C HIS A 214 -6.87 12.38 14.62
N PHE A 215 -7.10 13.00 13.47
CA PHE A 215 -7.20 12.26 12.24
C PHE A 215 -5.82 11.85 11.81
N TRP A 216 -4.86 12.75 11.95
CA TRP A 216 -3.52 12.51 11.45
C TRP A 216 -2.75 11.49 12.30
N PRO A 217 -2.74 11.60 13.61
CA PRO A 217 -2.22 10.49 14.42
C PRO A 217 -2.87 9.17 14.07
N LYS A 218 -4.18 9.16 13.89
CA LYS A 218 -4.89 7.93 13.58
C LYS A 218 -4.42 7.36 12.27
N LEU A 219 -4.07 8.24 11.34
CA LEU A 219 -3.70 7.82 10.02
C LEU A 219 -2.30 7.30 9.98
N LEU A 220 -1.43 7.78 10.86
CA LEU A 220 -0.04 7.31 10.90
C LEU A 220 0.09 5.93 11.50
N MET A 221 -0.88 5.55 12.30
CA MET A 221 -0.90 4.21 12.81
C MET A 221 -1.33 3.20 11.73
N LYS A 222 -1.96 3.67 10.66
CA LYS A 222 -2.22 2.82 9.49
C LYS A 222 -0.93 2.53 8.75
N VAL A 223 0.07 3.34 8.91
CA VAL A 223 1.34 3.06 8.27
C VAL A 223 2.00 1.89 8.99
N THR A 224 1.89 1.87 10.30
CA THR A 224 2.42 0.77 11.11
C THR A 224 1.76 -0.56 10.81
N ASP A 225 0.44 -0.52 10.57
CA ASP A 225 -0.34 -1.73 10.35
C ASP A 225 -0.06 -2.29 8.98
N LEU A 226 0.29 -1.41 8.04
CA LEU A 226 0.54 -1.82 6.65
C LEU A 226 1.91 -2.39 6.60
N ARG A 227 2.79 -1.81 7.40
CA ARG A 227 4.16 -2.26 7.54
C ARG A 227 4.16 -3.69 8.11
N MET A 228 3.31 -3.95 9.12
CA MET A 228 3.09 -5.29 9.65
C MET A 228 2.64 -6.21 8.59
N ILE A 229 1.64 -5.84 7.82
CA ILE A 229 1.06 -6.77 6.86
C ILE A 229 2.12 -7.28 5.87
N GLY A 230 2.81 -6.34 5.25
CA GLY A 230 3.95 -6.64 4.44
C GLY A 230 4.88 -7.67 5.05
N ALA A 231 5.28 -7.46 6.30
CA ALA A 231 6.19 -8.38 7.05
C ALA A 231 5.59 -9.75 7.24
N CYS A 232 4.36 -9.71 7.71
CA CYS A 232 3.54 -10.83 8.07
C CYS A 232 3.21 -11.66 6.83
N HIS A 233 3.25 -11.02 5.67
CA HIS A 233 3.13 -11.64 4.34
C HIS A 233 4.43 -12.29 3.88
N ALA A 234 5.58 -11.69 4.20
CA ALA A 234 6.88 -12.27 3.89
C ALA A 234 7.12 -13.53 4.68
N SER A 235 6.70 -13.54 5.95
CA SER A 235 6.78 -14.73 6.77
C SER A 235 5.87 -15.76 6.18
N ARG A 236 4.65 -15.34 5.94
CA ARG A 236 3.67 -16.22 5.30
C ARG A 236 4.25 -16.88 4.05
N PHE A 237 4.98 -16.10 3.24
CA PHE A 237 5.60 -16.59 2.01
C PHE A 237 6.72 -17.61 2.28
N LEU A 238 7.29 -17.65 3.46
CA LEU A 238 8.21 -18.72 3.82
C LEU A 238 7.50 -20.00 4.20
N HIS A 239 6.31 -19.89 4.77
CA HIS A 239 5.50 -21.09 5.03
C HIS A 239 5.01 -21.71 3.73
N MET A 240 4.83 -20.90 2.70
CA MET A 240 4.39 -21.45 1.43
C MET A 240 5.53 -22.07 0.65
N LYS A 241 6.67 -21.38 0.55
CA LYS A 241 7.86 -21.94 -0.10
C LYS A 241 8.12 -23.37 0.38
N VAL A 242 7.89 -23.66 1.66
CA VAL A 242 8.10 -25.02 2.19
C VAL A 242 7.29 -26.03 1.40
N GLU A 243 5.97 -25.86 1.39
CA GLU A 243 5.04 -26.88 0.84
C GLU A 243 4.81 -26.78 -0.68
N CYS A 244 4.47 -25.59 -1.17
CA CYS A 244 4.37 -25.30 -2.61
C CYS A 244 5.76 -24.90 -3.16
N PRO A 245 6.38 -25.67 -4.07
CA PRO A 245 7.65 -25.26 -4.68
C PRO A 245 7.66 -23.92 -5.43
N THR A 246 8.86 -23.37 -5.61
CA THR A 246 9.10 -22.03 -6.19
C THR A 246 8.59 -21.91 -7.62
N GLU A 247 8.50 -23.05 -8.30
CA GLU A 247 8.05 -23.13 -9.69
C GLU A 247 6.62 -22.57 -9.91
N LEU A 248 5.80 -22.61 -8.88
CA LEU A 248 4.40 -22.18 -8.94
C LEU A 248 4.18 -20.67 -8.91
N PHE A 249 5.24 -19.87 -8.87
CA PHE A 249 5.11 -18.45 -8.49
C PHE A 249 5.51 -17.53 -9.63
N PRO A 250 4.64 -16.60 -10.03
CA PRO A 250 4.92 -15.70 -11.17
C PRO A 250 6.32 -15.08 -11.07
N PRO A 251 7.18 -15.25 -12.07
CA PRO A 251 8.56 -14.73 -11.99
C PRO A 251 8.77 -13.32 -11.43
N LEU A 252 7.83 -12.39 -11.59
CA LEU A 252 8.02 -11.04 -11.03
C LEU A 252 7.83 -11.09 -9.54
N PHE A 253 6.77 -11.78 -9.11
CA PHE A 253 6.52 -12.02 -7.69
C PHE A 253 7.77 -12.55 -7.03
N LEU A 254 8.37 -13.58 -7.60
CA LEU A 254 9.61 -14.15 -7.04
C LEU A 254 10.77 -13.12 -6.96
N GLU A 255 10.96 -12.34 -8.02
CA GLU A 255 12.09 -11.41 -8.07
C GLU A 255 11.98 -10.36 -6.95
N VAL A 256 10.73 -10.06 -6.55
CA VAL A 256 10.38 -8.96 -5.61
C VAL A 256 10.17 -9.38 -4.14
N PHE A 257 10.12 -10.67 -3.88
CA PHE A 257 9.81 -11.19 -2.56
C PHE A 257 10.84 -12.23 -2.04
N GLU A 258 11.95 -12.43 -2.75
CA GLU A 258 12.90 -13.50 -2.45
C GLU A 258 14.13 -12.99 -1.70
#